data_6UVU
#
_entry.id   6UVU
#
_cell.length_a   51.690
_cell.length_b   58.510
_cell.length_c   53.490
_cell.angle_alpha   90.000
_cell.angle_beta   118.280
_cell.angle_gamma   90.000
#
_symmetry.space_group_name_H-M   'P 1 21 1'
#
loop_
_entity.id
_entity.type
_entity.pdbx_description
1 polymer 'ArsR family transcriptional regulator'
2 water water
#
_entity_poly.entity_id   1
_entity_poly.type   'polypeptide(L)'
_entity_poly.pdbx_seq_one_letter_code
;MALEKRNELPACSLKPSLQDRDLITSAEAGEVVVLFKVLANDTRLRLLHALARSGGLCVTDLAAAVGMKPQAVSNQLQRL
ADRRILRAARCGNNIHYRIVDPCVLRMLELGLCLIEEAEQQAGG
;
_entity_poly.pdbx_strand_id   A,B
#
# COMPACT_ATOMS: atom_id res chain seq x y z
N ALA A 11 13.99 2.26 17.36
CA ALA A 11 13.16 2.35 16.15
C ALA A 11 12.71 0.97 15.70
N CYS A 12 12.24 0.87 14.46
CA CYS A 12 11.84 -0.39 13.88
C CYS A 12 12.90 -0.87 12.89
N SER A 13 12.88 -2.18 12.62
CA SER A 13 13.92 -2.81 11.82
C SER A 13 13.30 -3.80 10.83
N LEU A 14 13.83 -3.78 9.61
CA LEU A 14 13.35 -4.67 8.55
C LEU A 14 13.44 -6.13 8.98
N LYS A 15 12.40 -6.90 8.61
CA LYS A 15 12.28 -8.33 8.85
C LYS A 15 13.59 -9.04 8.54
N PRO A 16 14.03 -9.99 9.38
CA PRO A 16 15.40 -10.53 9.22
C PRO A 16 15.59 -11.28 7.90
N SER A 17 14.59 -12.04 7.47
CA SER A 17 14.67 -12.80 6.23
C SER A 17 14.55 -11.92 4.99
N LEU A 18 14.09 -10.67 5.13
CA LEU A 18 13.96 -9.77 4.00
C LEU A 18 15.20 -8.89 3.81
N GLN A 19 16.17 -8.98 4.71
CA GLN A 19 17.34 -8.11 4.64
C GLN A 19 18.32 -8.53 3.56
N ASP A 20 18.08 -9.64 2.87
CA ASP A 20 18.96 -10.10 1.82
C ASP A 20 18.44 -9.80 0.41
N ARG A 21 17.19 -9.35 0.26
CA ARG A 21 16.70 -8.93 -1.03
C ARG A 21 17.50 -7.71 -1.52
N ASP A 22 17.89 -7.75 -2.80
CA ASP A 22 18.50 -6.60 -3.46
C ASP A 22 17.54 -5.42 -3.43
N LEU A 23 18.09 -4.21 -3.47
CA LEU A 23 17.27 -3.00 -3.57
C LEU A 23 16.25 -3.12 -4.70
N ILE A 24 14.99 -2.82 -4.38
CA ILE A 24 13.94 -2.82 -5.39
C ILE A 24 14.32 -1.88 -6.54
N THR A 25 14.10 -2.35 -7.77
CA THR A 25 14.38 -1.55 -8.95
C THR A 25 13.23 -0.58 -9.21
N SER A 26 13.43 0.35 -10.16
CA SER A 26 12.37 1.29 -10.48
C SER A 26 11.18 0.59 -11.11
N ALA A 27 11.42 -0.33 -12.05
CA ALA A 27 10.33 -1.10 -12.62
C ALA A 27 9.60 -1.89 -11.53
N GLU A 28 10.34 -2.49 -10.60
CA GLU A 28 9.67 -3.21 -9.52
C GLU A 28 8.82 -2.26 -8.68
N ALA A 29 9.37 -1.08 -8.37
CA ALA A 29 8.68 -0.13 -7.52
C ALA A 29 7.40 0.38 -8.15
N GLY A 30 7.45 0.71 -9.46
CA GLY A 30 6.26 1.20 -10.14
C GLY A 30 5.09 0.23 -10.11
N GLU A 31 5.37 -1.07 -10.24
CA GLU A 31 4.30 -2.07 -10.21
C GLU A 31 3.59 -2.10 -8.87
N VAL A 32 4.36 -2.10 -7.78
CA VAL A 32 3.76 -2.09 -6.45
C VAL A 32 3.09 -0.74 -6.19
N VAL A 33 3.64 0.33 -6.75
CA VAL A 33 3.09 1.66 -6.53
C VAL A 33 1.70 1.79 -7.17
N VAL A 34 1.50 1.15 -8.33
CA VAL A 34 0.16 1.06 -8.93
C VAL A 34 -0.85 0.57 -7.91
N LEU A 35 -0.49 -0.49 -7.18
CA LEU A 35 -1.39 -1.05 -6.16
C LEU A 35 -1.58 -0.10 -4.99
N PHE A 36 -0.48 0.51 -4.50
CA PHE A 36 -0.62 1.50 -3.43
C PHE A 36 -1.50 2.67 -3.87
N LYS A 37 -1.35 3.14 -5.11
CA LYS A 37 -2.19 4.22 -5.61
C LYS A 37 -3.66 3.82 -5.58
N VAL A 38 -3.95 2.58 -5.98
CA VAL A 38 -5.34 2.12 -5.98
C VAL A 38 -5.94 2.23 -4.58
N LEU A 39 -5.18 1.84 -3.55
CA LEU A 39 -5.72 1.85 -2.19
C LEU A 39 -5.66 3.23 -1.52
N ALA A 40 -4.93 4.20 -2.07
CA ALA A 40 -4.79 5.53 -1.46
C ALA A 40 -5.96 6.44 -1.85
N ASN A 41 -7.17 6.00 -1.50
CA ASN A 41 -8.41 6.70 -1.81
C ASN A 41 -9.53 6.09 -0.97
N ASP A 42 -10.26 6.93 -0.22
CA ASP A 42 -11.19 6.34 0.74
C ASP A 42 -12.36 5.65 0.04
N THR A 43 -12.85 6.19 -1.07
CA THR A 43 -13.94 5.51 -1.76
C THR A 43 -13.51 4.15 -2.32
N ARG A 44 -12.31 4.08 -2.92
CA ARG A 44 -11.82 2.80 -3.43
C ARG A 44 -11.62 1.80 -2.30
N LEU A 45 -11.02 2.24 -1.20
CA LEU A 45 -10.84 1.40 -0.02
C LEU A 45 -12.16 0.82 0.44
N ARG A 46 -13.18 1.68 0.54
CA ARG A 46 -14.45 1.22 1.06
C ARG A 46 -15.10 0.26 0.08
N LEU A 47 -15.01 0.55 -1.22
CA LEU A 47 -15.56 -0.36 -2.22
C LEU A 47 -14.84 -1.70 -2.20
N LEU A 48 -13.52 -1.67 -2.09
CA LEU A 48 -12.76 -2.92 -2.06
C LEU A 48 -13.06 -3.71 -0.79
N HIS A 49 -13.17 -3.03 0.36
CA HIS A 49 -13.57 -3.71 1.59
C HIS A 49 -14.94 -4.37 1.43
N ALA A 50 -15.93 -3.62 0.90
CA ALA A 50 -17.27 -4.21 0.70
C ALA A 50 -17.21 -5.43 -0.23
N LEU A 51 -16.46 -5.33 -1.32
CA LEU A 51 -16.31 -6.45 -2.25
C LEU A 51 -15.65 -7.65 -1.57
N ALA A 52 -14.77 -7.40 -0.60
CA ALA A 52 -13.98 -8.46 0.01
C ALA A 52 -14.79 -9.24 1.04
N ARG A 53 -15.57 -8.53 1.87
CA ARG A 53 -16.47 -9.19 2.82
C ARG A 53 -17.48 -10.08 2.12
N SER A 54 -18.17 -9.53 1.12
CA SER A 54 -19.23 -10.23 0.43
C SER A 54 -18.71 -11.23 -0.57
N GLY A 55 -17.45 -11.11 -0.99
CA GLY A 55 -16.98 -11.95 -2.06
C GLY A 55 -17.52 -11.56 -3.42
N GLY A 56 -18.16 -10.40 -3.54
CA GLY A 56 -18.68 -9.96 -4.82
C GLY A 56 -20.10 -9.44 -4.73
N LEU A 57 -20.36 -8.31 -5.38
CA LEU A 57 -21.68 -7.70 -5.42
C LEU A 57 -21.91 -7.05 -6.77
N CYS A 58 -23.19 -6.96 -7.17
CA CYS A 58 -23.55 -6.09 -8.28
C CYS A 58 -23.48 -4.61 -7.83
N VAL A 59 -23.48 -3.72 -8.81
CA VAL A 59 -23.23 -2.30 -8.56
C VAL A 59 -24.28 -1.71 -7.63
N THR A 60 -25.55 -2.11 -7.80
CA THR A 60 -26.64 -1.64 -6.95
C THR A 60 -26.42 -2.01 -5.48
N ASP A 61 -26.05 -3.27 -5.23
CA ASP A 61 -25.82 -3.69 -3.86
C ASP A 61 -24.56 -3.06 -3.29
N LEU A 62 -23.53 -2.92 -4.12
CA LEU A 62 -22.27 -2.34 -3.67
C LEU A 62 -22.45 -0.86 -3.31
N ALA A 63 -23.03 -0.07 -4.22
CA ALA A 63 -23.37 1.31 -3.92
C ALA A 63 -24.17 1.41 -2.62
N ALA A 64 -25.09 0.47 -2.40
CA ALA A 64 -25.88 0.47 -1.18
C ALA A 64 -24.99 0.27 0.05
N ALA A 65 -24.03 -0.66 -0.02
CA ALA A 65 -23.24 -0.99 1.16
C ALA A 65 -22.37 0.19 1.60
N VAL A 66 -21.85 0.97 0.64
CA VAL A 66 -20.98 2.09 0.98
C VAL A 66 -21.78 3.38 0.99
N GLY A 67 -23.11 3.28 1.03
CA GLY A 67 -23.98 4.44 1.14
C GLY A 67 -23.81 5.51 0.08
N MET A 68 -23.75 5.11 -1.20
CA MET A 68 -23.57 6.06 -2.30
C MET A 68 -24.53 5.73 -3.42
N LYS A 69 -24.75 6.70 -4.31
CA LYS A 69 -25.51 6.46 -5.53
C LYS A 69 -24.73 5.55 -6.47
N PRO A 70 -25.39 4.63 -7.17
CA PRO A 70 -24.66 3.77 -8.11
C PRO A 70 -23.86 4.56 -9.13
N GLN A 71 -24.40 5.69 -9.61
CA GLN A 71 -23.68 6.53 -10.55
C GLN A 71 -22.41 7.14 -9.94
N ALA A 72 -22.33 7.24 -8.62
CA ALA A 72 -21.16 7.80 -7.96
C ALA A 72 -19.99 6.82 -7.94
N VAL A 73 -20.26 5.53 -8.03
CA VAL A 73 -19.23 4.51 -7.91
C VAL A 73 -19.05 3.69 -9.17
N SER A 74 -19.93 3.83 -10.16
CA SER A 74 -19.93 2.94 -11.32
C SER A 74 -18.66 3.09 -12.15
N ASN A 75 -18.27 4.32 -12.46
CA ASN A 75 -17.04 4.52 -13.23
C ASN A 75 -15.80 4.06 -12.47
N GLN A 76 -15.77 4.27 -11.15
CA GLN A 76 -14.60 3.84 -10.38
C GLN A 76 -14.44 2.32 -10.45
N LEU A 77 -15.54 1.59 -10.34
CA LEU A 77 -15.48 0.12 -10.44
C LEU A 77 -15.00 -0.31 -11.82
N GLN A 78 -15.55 0.30 -12.86
CA GLN A 78 -15.12 0.01 -14.23
C GLN A 78 -13.62 0.25 -14.41
N ARG A 79 -13.09 1.36 -13.86
CA ARG A 79 -11.66 1.63 -13.97
C ARG A 79 -10.85 0.59 -13.21
N LEU A 80 -11.32 0.16 -12.05
CA LEU A 80 -10.70 -0.96 -11.34
C LEU A 80 -10.70 -2.23 -12.18
N ALA A 81 -11.79 -2.48 -12.93
CA ALA A 81 -11.78 -3.61 -13.86
C ALA A 81 -10.79 -3.39 -15.00
N ASP A 82 -10.71 -2.16 -15.52
CA ASP A 82 -9.70 -1.84 -16.53
C ASP A 82 -8.29 -2.20 -16.06
N ARG A 83 -7.99 -1.94 -14.77
CA ARG A 83 -6.66 -2.20 -14.22
C ARG A 83 -6.47 -3.65 -13.83
N ARG A 84 -7.40 -4.54 -14.25
CA ARG A 84 -7.37 -5.97 -13.92
C ARG A 84 -7.42 -6.24 -12.43
N ILE A 85 -7.91 -5.31 -11.62
CA ILE A 85 -8.04 -5.57 -10.18
C ILE A 85 -9.39 -6.23 -9.86
N LEU A 86 -10.45 -5.86 -10.59
CA LEU A 86 -11.75 -6.51 -10.47
C LEU A 86 -12.12 -7.24 -11.75
N ARG A 87 -13.02 -8.20 -11.63
CA ARG A 87 -13.67 -8.80 -12.78
C ARG A 87 -15.12 -8.32 -12.82
N ALA A 88 -15.56 -7.85 -14.00
CA ALA A 88 -16.91 -7.31 -14.20
C ALA A 88 -17.71 -8.29 -15.07
N ALA A 89 -18.75 -8.89 -14.50
CA ALA A 89 -19.57 -9.87 -15.21
C ALA A 89 -20.93 -9.25 -15.48
N ARG A 90 -21.18 -8.92 -16.74
CA ARG A 90 -22.44 -8.29 -17.14
C ARG A 90 -23.41 -9.33 -17.68
N CYS A 91 -24.61 -9.35 -17.12
CA CYS A 91 -25.77 -10.03 -17.69
C CYS A 91 -26.93 -9.04 -17.69
N GLY A 92 -27.47 -8.75 -18.87
CA GLY A 92 -28.46 -7.70 -18.97
C GLY A 92 -27.84 -6.38 -18.56
N ASN A 93 -28.51 -5.67 -17.66
CA ASN A 93 -27.98 -4.43 -17.12
C ASN A 93 -27.41 -4.60 -15.72
N ASN A 94 -27.29 -5.84 -15.26
CA ASN A 94 -26.68 -6.17 -13.98
C ASN A 94 -25.18 -6.43 -14.20
N ILE A 95 -24.32 -5.66 -13.54
CA ILE A 95 -22.87 -5.89 -13.54
C ILE A 95 -22.43 -6.26 -12.13
N HIS A 96 -21.90 -7.48 -11.99
CA HIS A 96 -21.43 -8.03 -10.74
C HIS A 96 -19.91 -7.95 -10.74
N TYR A 97 -19.35 -7.40 -9.66
CA TYR A 97 -17.92 -7.22 -9.50
C TYR A 97 -17.38 -8.13 -8.42
N ARG A 98 -16.16 -8.63 -8.61
CA ARG A 98 -15.45 -9.30 -7.53
C ARG A 98 -13.96 -9.04 -7.72
N ILE A 99 -13.22 -9.04 -6.60
CA ILE A 99 -11.77 -8.82 -6.65
C ILE A 99 -11.07 -10.06 -7.21
N VAL A 100 -10.23 -9.87 -8.23
CA VAL A 100 -9.43 -10.95 -8.80
C VAL A 100 -7.92 -10.76 -8.58
N ASP A 101 -7.48 -9.66 -7.99
CA ASP A 101 -6.06 -9.47 -7.71
C ASP A 101 -5.79 -9.78 -6.25
N PRO A 102 -5.13 -10.89 -5.93
CA PRO A 102 -4.87 -11.20 -4.51
C PRO A 102 -3.88 -10.25 -3.85
N CYS A 103 -3.02 -9.58 -4.62
CA CYS A 103 -2.10 -8.61 -4.03
C CYS A 103 -2.87 -7.46 -3.40
N VAL A 104 -3.83 -6.90 -4.14
CA VAL A 104 -4.70 -5.85 -3.62
C VAL A 104 -5.39 -6.32 -2.34
N LEU A 105 -5.76 -7.60 -2.29
CA LEU A 105 -6.46 -8.12 -1.13
C LEU A 105 -5.56 -8.18 0.08
N ARG A 106 -4.34 -8.69 -0.09
CA ARG A 106 -3.41 -8.76 1.03
C ARG A 106 -3.07 -7.38 1.56
N MET A 107 -2.90 -6.40 0.68
CA MET A 107 -2.66 -5.03 1.16
C MET A 107 -3.84 -4.50 1.99
N LEU A 108 -5.06 -4.74 1.52
CA LEU A 108 -6.26 -4.35 2.25
C LEU A 108 -6.32 -5.04 3.61
N GLU A 109 -6.04 -6.34 3.65
CA GLU A 109 -6.06 -7.07 4.90
C GLU A 109 -5.07 -6.47 5.91
N LEU A 110 -3.85 -6.16 5.45
CA LEU A 110 -2.89 -5.52 6.36
C LEU A 110 -3.41 -4.18 6.85
N GLY A 111 -4.05 -3.41 5.96
CA GLY A 111 -4.69 -2.16 6.38
C GLY A 111 -5.77 -2.37 7.43
N LEU A 112 -6.53 -3.48 7.31
CA LEU A 112 -7.55 -3.76 8.31
C LEU A 112 -6.92 -4.14 9.64
N CYS A 113 -5.84 -4.92 9.59
CA CYS A 113 -5.06 -5.24 10.79
C CYS A 113 -4.59 -3.98 11.51
N LEU A 114 -4.08 -3.01 10.76
CA LEU A 114 -3.60 -1.78 11.37
C LEU A 114 -4.73 -1.01 12.04
N ILE A 115 -5.94 -1.07 11.50
CA ILE A 115 -7.07 -0.36 12.10
C ILE A 115 -7.48 -1.03 13.41
N GLU A 116 -7.58 -2.36 13.42
CA GLU A 116 -7.86 -3.10 14.65
C GLU A 116 -6.84 -2.76 15.73
N GLU A 117 -5.56 -2.79 15.36
CA GLU A 117 -4.49 -2.45 16.30
C GLU A 117 -4.57 -0.99 16.74
N ALA A 118 -5.01 -0.09 15.86
CA ALA A 118 -5.18 1.31 16.25
C ALA A 118 -6.23 1.45 17.35
N GLU A 119 -7.29 0.63 17.28
CA GLU A 119 -8.28 0.52 18.36
C GLU A 119 -7.68 -0.05 19.63
N GLN A 120 -6.41 -0.45 19.61
CA GLN A 120 -5.65 -1.11 20.67
C GLN A 120 -6.09 -2.57 20.83
N GLN A 121 -7.09 -3.04 20.09
CA GLN A 121 -7.50 -4.45 20.15
C GLN A 121 -6.53 -5.32 19.35
N ALA B 11 -8.37 -17.43 -6.29
CA ALA B 11 -9.14 -17.57 -5.06
C ALA B 11 -9.78 -16.24 -4.69
N CYS B 12 -9.03 -15.42 -3.94
CA CYS B 12 -9.44 -14.09 -3.52
C CYS B 12 -10.66 -14.15 -2.59
N SER B 13 -10.41 -14.63 -1.39
CA SER B 13 -11.34 -14.52 -0.27
C SER B 13 -10.64 -13.80 0.88
N LEU B 14 -11.41 -12.98 1.59
CA LEU B 14 -10.90 -12.30 2.79
C LEU B 14 -10.59 -13.31 3.88
N LYS B 15 -9.50 -13.07 4.62
CA LYS B 15 -9.11 -13.96 5.70
C LYS B 15 -10.25 -14.08 6.72
N PRO B 16 -10.59 -15.30 7.16
CA PRO B 16 -11.78 -15.46 8.01
C PRO B 16 -11.79 -14.63 9.28
N SER B 17 -10.62 -14.43 9.91
CA SER B 17 -10.55 -13.61 11.12
C SER B 17 -10.93 -12.15 10.86
N LEU B 18 -10.89 -11.69 9.61
CA LEU B 18 -11.19 -10.32 9.26
C LEU B 18 -12.58 -10.11 8.67
N GLN B 19 -13.31 -11.18 8.37
CA GLN B 19 -14.61 -11.14 7.72
C GLN B 19 -15.73 -10.65 8.62
N ASP B 20 -15.44 -10.38 9.90
CA ASP B 20 -16.46 -9.93 10.83
C ASP B 20 -16.48 -8.42 11.04
N ARG B 21 -15.33 -7.76 10.98
CA ARG B 21 -15.27 -6.31 11.13
C ARG B 21 -16.28 -5.64 10.21
N ASP B 22 -16.96 -4.63 10.74
CA ASP B 22 -17.86 -3.82 9.93
C ASP B 22 -17.09 -3.09 8.84
N LEU B 23 -17.82 -2.76 7.77
CA LEU B 23 -17.29 -1.94 6.69
C LEU B 23 -16.51 -0.75 7.24
N ILE B 24 -15.28 -0.59 6.75
CA ILE B 24 -14.43 0.49 7.20
C ILE B 24 -15.12 1.82 6.93
N THR B 25 -15.09 2.70 7.93
CA THR B 25 -15.72 4.01 7.78
C THR B 25 -14.77 4.98 7.09
N SER B 26 -15.30 6.08 6.58
CA SER B 26 -14.44 7.11 6.02
C SER B 26 -13.48 7.67 7.06
N ALA B 27 -13.84 7.60 8.34
CA ALA B 27 -12.94 8.07 9.40
C ALA B 27 -11.74 7.15 9.55
N GLU B 28 -11.99 5.83 9.66
CA GLU B 28 -10.88 4.89 9.72
C GLU B 28 -10.10 4.83 8.42
N ALA B 29 -10.78 5.03 7.29
CA ALA B 29 -10.09 5.02 6.00
C ALA B 29 -9.08 6.15 5.89
N GLY B 30 -9.33 7.28 6.56
CA GLY B 30 -8.44 8.41 6.43
C GLY B 30 -7.01 8.11 6.87
N GLU B 31 -6.86 7.45 8.02
CA GLU B 31 -5.51 7.22 8.53
C GLU B 31 -4.74 6.24 7.67
N VAL B 32 -5.42 5.22 7.14
CA VAL B 32 -4.71 4.22 6.35
C VAL B 32 -4.46 4.74 4.94
N VAL B 33 -5.35 5.58 4.42
CA VAL B 33 -5.14 6.20 3.11
C VAL B 33 -3.87 7.03 3.10
N VAL B 34 -3.59 7.72 4.21
CA VAL B 34 -2.35 8.49 4.32
C VAL B 34 -1.13 7.57 4.23
N LEU B 35 -1.20 6.40 4.86
CA LEU B 35 -0.13 5.41 4.72
C LEU B 35 0.14 5.09 3.24
N PHE B 36 -0.93 4.78 2.49
CA PHE B 36 -0.75 4.40 1.09
C PHE B 36 -0.25 5.57 0.23
N LYS B 37 -0.73 6.81 0.52
CA LYS B 37 -0.24 7.98 -0.22
C LYS B 37 1.27 8.14 -0.06
N VAL B 38 1.77 8.00 1.15
CA VAL B 38 3.22 8.09 1.37
C VAL B 38 3.95 7.02 0.55
N LEU B 39 3.46 5.79 0.56
CA LEU B 39 4.12 4.73 -0.19
C LEU B 39 3.87 4.77 -1.69
N ALA B 40 2.85 5.51 -2.16
CA ALA B 40 2.47 5.45 -3.57
C ALA B 40 3.32 6.35 -4.44
N ASN B 41 4.64 6.21 -4.36
CA ASN B 41 5.58 6.94 -5.20
C ASN B 41 6.85 6.12 -5.40
N ASP B 42 7.21 5.92 -6.66
CA ASP B 42 8.40 5.18 -7.08
C ASP B 42 9.65 5.54 -6.26
N THR B 43 10.01 6.82 -6.28
CA THR B 43 11.24 7.26 -5.64
C THR B 43 11.18 7.12 -4.13
N ARG B 44 10.04 7.49 -3.51
CA ARG B 44 9.93 7.38 -2.06
C ARG B 44 10.06 5.93 -1.61
N LEU B 45 9.50 5.02 -2.38
CA LEU B 45 9.50 3.61 -1.99
C LEU B 45 10.90 3.03 -2.06
N ARG B 46 11.65 3.37 -3.11
CA ARG B 46 13.03 2.92 -3.21
C ARG B 46 13.89 3.53 -2.11
N LEU B 47 13.65 4.81 -1.79
CA LEU B 47 14.38 5.43 -0.68
C LEU B 47 14.09 4.72 0.62
N LEU B 48 12.81 4.34 0.83
CA LEU B 48 12.39 3.68 2.07
C LEU B 48 12.99 2.29 2.17
N HIS B 49 13.06 1.58 1.05
CA HIS B 49 13.69 0.27 1.06
C HIS B 49 15.19 0.38 1.35
N ALA B 50 15.88 1.29 0.66
CA ALA B 50 17.32 1.48 0.90
C ALA B 50 17.59 1.83 2.37
N LEU B 51 16.71 2.62 2.99
CA LEU B 51 16.84 2.90 4.42
C LEU B 51 16.55 1.68 5.27
N ALA B 52 15.55 0.87 4.88
CA ALA B 52 15.20 -0.30 5.66
C ALA B 52 16.28 -1.37 5.59
N ARG B 53 16.93 -1.52 4.41
CA ARG B 53 18.00 -2.51 4.26
C ARG B 53 19.16 -2.21 5.19
N SER B 54 19.61 -0.96 5.17
CA SER B 54 20.81 -0.50 5.88
C SER B 54 20.55 -0.15 7.33
N GLY B 55 19.29 0.01 7.73
CA GLY B 55 19.01 0.50 9.06
C GLY B 55 19.33 1.96 9.27
N GLY B 56 19.50 2.72 8.18
CA GLY B 56 19.77 4.14 8.29
C GLY B 56 21.00 4.63 7.55
N LEU B 57 20.90 5.78 6.88
CA LEU B 57 21.97 6.29 6.05
C LEU B 57 21.95 7.82 6.08
N CYS B 58 23.08 8.40 5.66
CA CYS B 58 23.16 9.81 5.32
C CYS B 58 22.73 10.01 3.87
N VAL B 59 22.56 11.28 3.52
CA VAL B 59 22.04 11.62 2.20
C VAL B 59 22.99 11.16 1.10
N THR B 60 24.30 11.20 1.36
CA THR B 60 25.29 10.86 0.33
C THR B 60 25.29 9.37 0.00
N ASP B 61 25.28 8.52 1.03
CA ASP B 61 25.20 7.09 0.80
C ASP B 61 23.85 6.71 0.20
N LEU B 62 22.77 7.25 0.77
CA LEU B 62 21.44 6.93 0.27
C LEU B 62 21.26 7.38 -1.18
N ALA B 63 21.72 8.58 -1.51
CA ALA B 63 21.63 9.04 -2.89
C ALA B 63 22.48 8.21 -3.83
N ALA B 64 23.62 7.70 -3.36
CA ALA B 64 24.40 6.79 -4.19
C ALA B 64 23.65 5.48 -4.39
N ALA B 65 23.02 4.95 -3.33
CA ALA B 65 22.32 3.67 -3.41
C ALA B 65 21.25 3.68 -4.49
N VAL B 66 20.49 4.77 -4.61
CA VAL B 66 19.48 4.90 -5.65
C VAL B 66 20.11 5.73 -6.78
N GLY B 67 19.38 5.98 -7.84
CA GLY B 67 20.05 6.70 -8.92
C GLY B 67 19.94 8.21 -8.89
N MET B 68 20.21 8.87 -7.76
CA MET B 68 19.75 10.25 -7.58
C MET B 68 20.82 11.16 -7.01
N LYS B 69 20.57 12.47 -7.13
CA LYS B 69 21.47 13.52 -6.66
C LYS B 69 21.22 13.81 -5.19
N PRO B 70 22.27 14.08 -4.41
CA PRO B 70 22.07 14.27 -2.96
C PRO B 70 21.05 15.35 -2.63
N GLN B 71 21.00 16.44 -3.41
CA GLN B 71 20.15 17.56 -3.03
C GLN B 71 18.68 17.20 -3.14
N ALA B 72 18.29 16.50 -4.22
CA ALA B 72 16.92 16.02 -4.35
C ALA B 72 16.59 14.98 -3.28
N VAL B 73 17.52 14.06 -3.02
CA VAL B 73 17.30 13.06 -1.97
C VAL B 73 17.16 13.73 -0.62
N SER B 74 18.00 14.73 -0.35
CA SER B 74 17.96 15.43 0.92
C SER B 74 16.59 16.03 1.14
N ASN B 75 16.05 16.70 0.14
CA ASN B 75 14.75 17.34 0.31
C ASN B 75 13.69 16.28 0.56
N GLN B 76 13.76 15.16 -0.17
CA GLN B 76 12.81 14.06 0.02
C GLN B 76 12.85 13.53 1.45
N LEU B 77 14.06 13.44 2.04
CA LEU B 77 14.15 12.86 3.38
C LEU B 77 13.63 13.82 4.44
N GLN B 78 13.96 15.11 4.35
CA GLN B 78 13.40 16.02 5.35
C GLN B 78 11.87 16.05 5.28
N ARG B 79 11.27 15.85 4.10
CA ARG B 79 9.81 15.78 4.02
C ARG B 79 9.27 14.56 4.77
N LEU B 80 9.88 13.39 4.53
CA LEU B 80 9.44 12.18 5.26
C LEU B 80 9.59 12.38 6.76
N ALA B 81 10.69 13.04 7.18
CA ALA B 81 10.84 13.41 8.58
C ALA B 81 9.74 14.37 9.03
N ASP B 82 9.43 15.39 8.21
CA ASP B 82 8.31 16.29 8.52
C ASP B 82 7.02 15.51 8.76
N ARG B 83 6.76 14.48 7.93
CA ARG B 83 5.55 13.68 8.10
C ARG B 83 5.70 12.63 9.19
N ARG B 84 6.83 12.62 9.90
CA ARG B 84 7.09 11.70 11.01
C ARG B 84 7.27 10.26 10.56
N ILE B 85 7.72 10.05 9.32
CA ILE B 85 7.99 8.68 8.87
C ILE B 85 9.41 8.29 9.26
N LEU B 86 10.32 9.27 9.28
CA LEU B 86 11.71 9.08 9.58
C LEU B 86 12.09 9.86 10.83
N ARG B 87 13.23 9.49 11.40
CA ARG B 87 13.93 10.28 12.40
C ARG B 87 15.22 10.77 11.78
N ALA B 88 15.47 12.09 11.86
CA ALA B 88 16.69 12.69 11.33
C ALA B 88 17.62 13.03 12.50
N ALA B 89 18.72 12.29 12.61
CA ALA B 89 19.67 12.44 13.71
C ALA B 89 20.87 13.22 13.20
N ARG B 90 21.05 14.44 13.71
CA ARG B 90 22.10 15.35 13.28
C ARG B 90 23.14 15.51 14.39
N CYS B 91 24.41 15.30 14.05
CA CYS B 91 25.53 15.65 14.91
C CYS B 91 26.60 16.26 14.01
N GLY B 92 26.99 17.50 14.31
CA GLY B 92 27.77 18.25 13.34
C GLY B 92 26.93 18.50 12.10
N ASN B 93 27.52 18.29 10.92
CA ASN B 93 26.79 18.47 9.68
C ASN B 93 26.36 17.15 9.05
N ASN B 94 26.51 16.04 9.78
CA ASN B 94 26.06 14.72 9.35
C ASN B 94 24.65 14.46 9.86
N ILE B 95 23.74 14.15 8.94
CA ILE B 95 22.36 13.80 9.28
C ILE B 95 22.13 12.36 8.86
N HIS B 96 21.75 11.53 9.83
CA HIS B 96 21.48 10.12 9.64
C HIS B 96 19.97 9.91 9.74
N TYR B 97 19.40 9.23 8.76
CA TYR B 97 17.95 9.05 8.66
C TYR B 97 17.57 7.61 8.92
N ARG B 98 16.54 7.40 9.74
CA ARG B 98 16.02 6.07 10.07
C ARG B 98 14.49 6.09 10.01
N ILE B 99 13.90 4.98 9.58
CA ILE B 99 12.46 4.80 9.55
C ILE B 99 11.97 4.54 10.97
N VAL B 100 11.04 5.37 11.45
CA VAL B 100 10.43 5.17 12.76
C VAL B 100 8.92 4.95 12.69
N ASP B 101 8.32 4.89 11.49
CA ASP B 101 6.93 4.48 11.38
C ASP B 101 6.86 2.96 11.14
N PRO B 102 6.40 2.16 12.11
CA PRO B 102 6.32 0.71 11.85
C PRO B 102 5.21 0.32 10.88
N CYS B 103 4.12 1.10 10.80
CA CYS B 103 3.11 0.82 9.79
C CYS B 103 3.67 0.93 8.39
N VAL B 104 4.43 2.00 8.12
CA VAL B 104 5.12 2.12 6.84
C VAL B 104 6.00 0.91 6.61
N LEU B 105 6.65 0.42 7.68
CA LEU B 105 7.62 -0.67 7.53
C LEU B 105 6.93 -1.98 7.17
N ARG B 106 5.86 -2.34 7.86
CA ARG B 106 5.15 -3.57 7.51
C ARG B 106 4.59 -3.51 6.09
N MET B 107 4.14 -2.33 5.66
CA MET B 107 3.55 -2.20 4.33
C MET B 107 4.62 -2.29 3.25
N LEU B 108 5.78 -1.67 3.49
CA LEU B 108 6.94 -1.89 2.62
C LEU B 108 7.33 -3.36 2.57
N GLU B 109 7.39 -4.04 3.72
CA GLU B 109 7.77 -5.45 3.75
C GLU B 109 6.77 -6.30 2.96
N LEU B 110 5.48 -6.00 3.07
CA LEU B 110 4.49 -6.72 2.29
C LEU B 110 4.72 -6.51 0.80
N GLY B 111 4.95 -5.27 0.40
CA GLY B 111 5.33 -5.00 -0.96
C GLY B 111 6.52 -5.82 -1.41
N LEU B 112 7.54 -5.95 -0.55
CA LEU B 112 8.73 -6.71 -0.91
C LEU B 112 8.40 -8.18 -1.10
N CYS B 113 7.57 -8.76 -0.23
CA CYS B 113 7.17 -10.16 -0.38
C CYS B 113 6.40 -10.37 -1.67
N LEU B 114 5.55 -9.40 -2.07
CA LEU B 114 4.78 -9.54 -3.30
C LEU B 114 5.67 -9.48 -4.53
N ILE B 115 6.72 -8.64 -4.50
CA ILE B 115 7.66 -8.58 -5.61
C ILE B 115 8.41 -9.90 -5.74
N GLU B 116 8.79 -10.48 -4.61
CA GLU B 116 9.52 -11.75 -4.62
C GLU B 116 8.62 -12.89 -5.10
N GLU B 117 7.41 -12.99 -4.54
CA GLU B 117 6.48 -14.04 -4.97
C GLU B 117 6.17 -13.92 -6.45
N ALA B 118 5.99 -12.71 -6.95
CA ALA B 118 5.72 -12.54 -8.38
C ALA B 118 6.86 -13.09 -9.22
N GLU B 119 8.10 -12.74 -8.85
CA GLU B 119 9.28 -13.26 -9.56
C GLU B 119 9.30 -14.78 -9.52
N GLN B 120 9.19 -15.35 -8.33
CA GLN B 120 9.19 -16.80 -8.17
C GLN B 120 8.15 -17.45 -9.07
N GLN B 121 6.92 -16.92 -9.05
CA GLN B 121 5.78 -17.51 -9.74
C GLN B 121 5.88 -17.46 -11.25
N ALA B 122 6.83 -16.70 -11.81
CA ALA B 122 7.05 -16.66 -13.25
C ALA B 122 8.36 -17.33 -13.66
N GLY B 123 8.89 -18.23 -12.82
CA GLY B 123 10.09 -18.95 -13.17
C GLY B 123 11.41 -18.26 -12.90
N GLY B 124 11.40 -17.10 -12.23
CA GLY B 124 12.64 -16.44 -11.82
C GLY B 124 12.83 -14.99 -12.24
#